data_4MQ4
#
_entry.id   4MQ4
#
_cell.length_a   94.15
_cell.length_b   94.15
_cell.length_c   188.16
_cell.angle_alpha   90.00
_cell.angle_beta   90.00
_cell.angle_gamma   90.00
#
_symmetry.space_group_name_H-M   'P 43 21 2'
#
loop_
_entity.id
_entity.type
_entity.pdbx_description
1 polymer 'Phenylethanolamine N-methyltransferase'
2 non-polymer "5'-S-(3-{[(3R)-1,2,3,4-tetrahydroisoquinolin-3-ylcarbonyl]amino}propyl)-5'-thioadenosine"
3 non-polymer 2-AMINO-2-HYDROXYMETHYL-PROPANE-1,3-DIOL
4 water water
#
_entity_poly.entity_id   1
_entity_poly.type   'polypeptide(L)'
_entity_poly.pdbx_seq_one_letter_code
;MSGADRSPNAGAAPDSAPGQAAVASAYQRFEPRAYLRNNYAPPRGDLCNPNGVGPWKLRCLAQTFATGEVSGRTLIDIGS
GPTVYQLLSACSHFEDITMTDFLEVNRQELGRWLQEEPGAFNWSMYSQHACLIEGKGECWQDKERQLRARVKRVLPIDVH
QPQPLGAGSPAPLPADALVSAFCLEAVSPDLASFQRALDHITTLLRPGGHLLLIGALEESWYLAGEARLTVVPVSEEEVR
EALVRSGYKVRDLRTYIMPAHLQTGVDDVKGVFFAWAQKVGLEHHHHHH
;
_entity_poly.pdbx_strand_id   A,B
#
loop_
_chem_comp.id
_chem_comp.type
_chem_comp.name
_chem_comp.formula
2D5 non-polymer 5'-S-(3-{[(3R)-1,2,3,4-tetrahydroisoquinolin-3-ylcarbonyl]amino}propyl)-5'-thioadenosine 'C23 H29 N7 O4 S'
TRS non-polymer 2-AMINO-2-HYDROXYMETHYL-PROPANE-1,3-DIOL 'C4 H12 N O3 1'
#
# COMPACT_ATOMS: atom_id res chain seq x y z
N ALA A 17 -7.81 14.71 41.60
CA ALA A 17 -8.93 15.55 41.18
C ALA A 17 -8.49 17.02 40.91
N PRO A 18 -7.59 17.55 41.75
CA PRO A 18 -6.85 18.71 41.26
C PRO A 18 -5.95 18.33 40.09
N GLY A 19 -5.36 17.15 40.17
CA GLY A 19 -4.44 16.71 39.15
C GLY A 19 -5.16 16.65 37.80
N GLN A 20 -6.42 16.24 37.85
CA GLN A 20 -7.13 16.06 36.62
C GLN A 20 -7.72 17.41 36.13
N ALA A 21 -7.82 18.39 37.02
CA ALA A 21 -8.23 19.74 36.61
C ALA A 21 -7.10 20.39 35.80
N ALA A 22 -5.86 20.07 36.17
CA ALA A 22 -4.69 20.53 35.40
C ALA A 22 -4.62 19.90 34.01
N VAL A 23 -5.06 18.63 33.93
CA VAL A 23 -5.01 17.88 32.68
C VAL A 23 -6.00 18.50 31.72
N ALA A 24 -7.23 18.70 32.20
CA ALA A 24 -8.28 19.28 31.39
C ALA A 24 -7.86 20.64 30.82
N SER A 25 -7.42 21.52 31.72
CA SER A 25 -6.88 22.83 31.38
C SER A 25 -5.78 22.75 30.32
N ALA A 26 -4.79 21.90 30.57
CA ALA A 26 -3.68 21.72 29.63
C ALA A 26 -4.19 21.30 28.25
N TYR A 27 -5.20 20.44 28.20
CA TYR A 27 -5.67 19.94 26.91
C TYR A 27 -6.39 21.03 26.12
N GLN A 28 -6.82 22.10 26.79
CA GLN A 28 -7.52 23.18 26.10
C GLN A 28 -6.62 23.84 25.07
N ARG A 29 -5.31 23.62 25.14
CA ARG A 29 -4.40 24.14 24.12
C ARG A 29 -4.02 23.07 23.06
N PHE A 30 -4.64 21.89 23.14
CA PHE A 30 -4.23 20.78 22.26
C PHE A 30 -4.60 21.11 20.81
N GLU A 31 -3.60 21.14 19.92
CA GLU A 31 -3.79 21.40 18.49
C GLU A 31 -3.59 20.13 17.64
N PRO A 32 -4.70 19.54 17.17
CA PRO A 32 -4.72 18.32 16.36
C PRO A 32 -3.69 18.28 15.25
N ARG A 33 -3.67 19.33 14.43
CA ARG A 33 -2.83 19.30 13.26
C ARG A 33 -1.37 19.30 13.66
N ALA A 34 -1.05 19.94 14.79
CA ALA A 34 0.34 19.96 15.26
C ALA A 34 0.71 18.57 15.77
N TYR A 35 -0.23 18.00 16.53
CA TYR A 35 -0.09 16.67 17.08
C TYR A 35 0.10 15.66 15.96
N LEU A 36 -0.74 15.75 14.91
CA LEU A 36 -0.58 14.87 13.74
C LEU A 36 0.75 15.03 13.09
N ARG A 37 1.17 16.28 12.91
CA ARG A 37 2.45 16.54 12.23
C ARG A 37 3.60 15.96 13.02
N ASN A 38 3.55 16.13 14.34
CA ASN A 38 4.65 15.68 15.19
C ASN A 38 4.77 14.18 15.23
N ASN A 39 3.63 13.48 15.21
CA ASN A 39 3.65 12.04 15.45
C ASN A 39 3.35 11.13 14.22
N TYR A 40 2.61 11.64 13.25
CA TYR A 40 2.12 10.82 12.13
C TYR A 40 2.53 11.33 10.72
N ALA A 41 3.34 12.38 10.68
CA ALA A 41 4.08 12.74 9.47
C ALA A 41 5.55 12.36 9.69
N PRO A 42 6.38 12.43 8.65
CA PRO A 42 7.80 12.06 8.84
C PRO A 42 8.54 12.98 9.82
N PRO A 43 9.62 12.49 10.48
CA PRO A 43 10.20 11.14 10.35
C PRO A 43 9.46 10.04 11.11
N ARG A 44 8.63 10.38 12.10
CA ARG A 44 7.96 9.32 12.86
C ARG A 44 6.86 8.63 12.07
N GLY A 45 6.28 9.35 11.12
CA GLY A 45 5.27 8.78 10.25
C GLY A 45 5.87 8.11 9.03
N ASP A 46 7.18 7.83 9.06
CA ASP A 46 7.82 7.23 7.88
C ASP A 46 7.59 5.72 7.93
N LEU A 47 6.71 5.23 7.06
CA LEU A 47 6.36 3.82 7.09
C LEU A 47 7.36 2.95 6.29
N CYS A 48 8.32 3.55 5.62
CA CYS A 48 9.24 2.79 4.83
C CYS A 48 10.27 2.04 5.64
N ASN A 49 10.72 2.64 6.72
CA ASN A 49 11.66 1.98 7.63
C ASN A 49 10.95 0.96 8.51
N PRO A 50 11.13 -0.34 8.24
CA PRO A 50 10.42 -1.36 9.01
C PRO A 50 10.80 -1.34 10.49
N ASN A 51 11.92 -0.71 10.82
CA ASN A 51 12.41 -0.62 12.19
C ASN A 51 11.87 0.61 12.89
N GLY A 52 11.01 1.34 12.20
CA GLY A 52 10.38 2.53 12.71
C GLY A 52 9.22 2.17 13.60
N VAL A 53 8.63 3.17 14.23
CA VAL A 53 7.65 2.92 15.26
C VAL A 53 6.27 2.76 14.67
N GLY A 54 6.02 3.41 13.55
CA GLY A 54 4.72 3.32 12.92
C GLY A 54 4.47 1.89 12.48
N PRO A 55 5.46 1.32 11.83
CA PRO A 55 5.27 -0.06 11.39
C PRO A 55 5.20 -1.03 12.55
N TRP A 56 5.98 -0.76 13.58
CA TRP A 56 5.97 -1.65 14.74
C TRP A 56 4.57 -1.66 15.34
N LYS A 57 3.97 -0.49 15.51
CA LYS A 57 2.61 -0.42 16.05
C LYS A 57 1.58 -1.15 15.19
N LEU A 58 1.66 -0.99 13.87
CA LEU A 58 0.70 -1.61 12.95
C LEU A 58 0.82 -3.13 12.96
N ARG A 59 2.06 -3.57 13.03
CA ARG A 59 2.41 -4.97 13.16
C ARG A 59 1.86 -5.60 14.44
N CYS A 60 1.95 -4.88 15.56
CA CYS A 60 1.41 -5.38 16.83
C CYS A 60 -0.07 -5.60 16.70
N LEU A 61 -0.74 -4.63 16.08
CA LEU A 61 -2.17 -4.73 15.98
C LEU A 61 -2.53 -5.83 14.96
N ALA A 62 -1.81 -5.90 13.83
CA ALA A 62 -2.12 -6.89 12.78
C ALA A 62 -1.92 -8.29 13.32
N GLN A 63 -0.81 -8.51 14.00
CA GLN A 63 -0.47 -9.86 14.49
C GLN A 63 -1.45 -10.33 15.55
N THR A 64 -1.99 -9.40 16.32
CA THR A 64 -2.92 -9.75 17.39
C THR A 64 -4.26 -10.14 16.79
N PHE A 65 -4.71 -9.37 15.80
CA PHE A 65 -6.00 -9.66 15.21
C PHE A 65 -5.93 -10.94 14.35
N ALA A 66 -4.75 -11.25 13.82
CA ALA A 66 -4.60 -12.41 12.93
C ALA A 66 -4.64 -13.72 13.68
N THR A 67 -4.67 -13.67 15.00
CA THR A 67 -4.86 -14.91 15.75
C THR A 67 -6.32 -15.35 15.73
N GLY A 68 -7.24 -14.42 15.46
CA GLY A 68 -8.67 -14.69 15.53
C GLY A 68 -9.19 -14.73 16.97
N GLU A 69 -8.29 -14.62 17.94
CA GLU A 69 -8.72 -14.71 19.32
C GLU A 69 -9.44 -13.46 19.82
N VAL A 70 -9.39 -12.40 19.01
CA VAL A 70 -10.01 -11.13 19.38
C VAL A 70 -11.06 -10.73 18.38
N SER A 71 -12.33 -10.90 18.74
CA SER A 71 -13.42 -10.71 17.80
C SER A 71 -14.69 -10.45 18.56
N GLY A 72 -15.71 -10.01 17.83
CA GLY A 72 -17.00 -9.79 18.43
C GLY A 72 -17.79 -8.79 17.65
N ARG A 73 -18.84 -8.27 18.27
CA ARG A 73 -19.72 -7.38 17.56
C ARG A 73 -19.21 -5.97 17.76
N THR A 74 -18.89 -5.62 19.02
CA THR A 74 -18.67 -4.22 19.42
C THR A 74 -17.27 -3.95 19.95
N LEU A 75 -16.72 -2.83 19.48
CA LEU A 75 -15.42 -2.37 19.90
C LEU A 75 -15.51 -0.89 20.29
N ILE A 76 -14.74 -0.50 21.30
CA ILE A 76 -14.65 0.92 21.67
C ILE A 76 -13.18 1.34 21.64
N ASP A 77 -12.89 2.42 20.91
CA ASP A 77 -11.56 3.04 20.91
C ASP A 77 -11.55 4.16 21.98
N ILE A 78 -10.65 4.06 22.98
CA ILE A 78 -10.66 4.99 24.13
C ILE A 78 -9.65 6.07 23.88
N GLY A 79 -10.10 7.31 23.82
CA GLY A 79 -9.21 8.43 23.61
C GLY A 79 -8.61 8.46 22.20
N SER A 80 -9.46 8.26 21.20
CA SER A 80 -9.00 8.18 19.79
C SER A 80 -8.19 9.37 19.34
N GLY A 81 -8.45 10.53 19.92
CA GLY A 81 -7.78 11.72 19.43
C GLY A 81 -8.19 11.95 17.98
N PRO A 82 -7.30 12.44 17.17
CA PRO A 82 -7.64 12.73 15.80
C PRO A 82 -7.15 11.59 14.91
N THR A 83 -6.98 10.41 15.47
CA THR A 83 -6.27 9.36 14.73
C THR A 83 -7.11 8.15 14.51
N VAL A 84 -6.67 7.36 13.53
CA VAL A 84 -7.52 6.34 12.96
C VAL A 84 -6.73 5.04 12.77
N TYR A 85 -5.40 5.13 12.73
CA TYR A 85 -4.57 3.98 12.40
C TYR A 85 -4.83 2.80 13.33
N GLN A 86 -5.16 3.10 14.58
CA GLN A 86 -5.29 2.03 15.56
C GLN A 86 -6.51 1.15 15.36
N LEU A 87 -7.37 1.52 14.42
CA LEU A 87 -8.55 0.71 14.05
C LEU A 87 -8.42 0.02 12.68
N LEU A 88 -7.30 0.18 12.02
CA LEU A 88 -7.20 -0.31 10.66
C LEU A 88 -7.29 -1.83 10.57
N SER A 89 -6.56 -2.54 11.43
CA SER A 89 -6.67 -3.98 11.48
C SER A 89 -7.92 -4.44 12.19
N ALA A 90 -8.38 -3.66 13.14
CA ALA A 90 -9.49 -4.11 13.96
C ALA A 90 -10.80 -4.15 13.19
N CYS A 91 -10.97 -3.27 12.21
CA CYS A 91 -12.32 -3.06 11.68
C CYS A 91 -12.84 -4.26 10.87
N SER A 92 -11.94 -5.16 10.45
CA SER A 92 -12.34 -6.41 9.78
C SER A 92 -12.96 -7.41 10.77
N HIS A 93 -12.85 -7.13 12.07
CA HIS A 93 -13.21 -8.08 13.11
C HIS A 93 -14.34 -7.60 14.01
N PHE A 94 -14.83 -6.39 13.77
CA PHE A 94 -15.92 -5.84 14.59
C PHE A 94 -16.85 -5.05 13.74
N GLU A 95 -18.13 -5.36 13.80
CA GLU A 95 -19.08 -4.67 12.94
C GLU A 95 -19.53 -3.31 13.51
N ASP A 96 -19.32 -3.09 14.81
CA ASP A 96 -19.76 -1.84 15.46
C ASP A 96 -18.59 -1.22 16.24
N ILE A 97 -18.10 -0.09 15.74
CA ILE A 97 -17.00 0.61 16.36
C ILE A 97 -17.44 1.96 16.93
N THR A 98 -17.17 2.18 18.22
CA THR A 98 -17.33 3.48 18.86
C THR A 98 -15.96 4.18 18.95
N MET A 99 -15.83 5.39 18.40
CA MET A 99 -14.63 6.18 18.59
C MET A 99 -14.93 7.21 19.66
N THR A 100 -13.92 7.64 20.40
CA THR A 100 -14.16 8.53 21.54
C THR A 100 -13.05 9.53 21.74
N ASP A 101 -13.41 10.74 22.19
CA ASP A 101 -12.39 11.65 22.70
C ASP A 101 -12.93 12.76 23.59
N PHE A 102 -12.02 13.30 24.41
CA PHE A 102 -12.35 14.33 25.39
C PHE A 102 -12.64 15.64 24.67
N LEU A 103 -11.84 15.91 23.63
CA LEU A 103 -11.87 17.19 22.93
C LEU A 103 -12.72 17.22 21.68
N GLU A 104 -13.60 18.23 21.62
CA GLU A 104 -14.45 18.46 20.47
C GLU A 104 -13.63 18.64 19.22
N VAL A 105 -12.54 19.38 19.31
CA VAL A 105 -11.71 19.66 18.13
C VAL A 105 -11.11 18.39 17.53
N ASN A 106 -10.97 17.34 18.35
CA ASN A 106 -10.49 16.07 17.86
C ASN A 106 -11.63 15.30 17.22
N ARG A 107 -12.78 15.34 17.88
CA ARG A 107 -13.96 14.67 17.40
C ARG A 107 -14.34 15.24 16.03
N GLN A 108 -14.10 16.53 15.82
CA GLN A 108 -14.37 17.17 14.55
C GLN A 108 -13.41 16.75 13.48
N GLU A 109 -12.15 16.62 13.86
CA GLU A 109 -11.14 16.13 12.94
C GLU A 109 -11.51 14.72 12.44
N LEU A 110 -12.02 13.87 13.36
CA LEU A 110 -12.59 12.56 12.99
C LEU A 110 -13.78 12.70 12.02
N GLY A 111 -14.68 13.61 12.34
CA GLY A 111 -15.78 14.00 11.49
C GLY A 111 -15.29 14.32 10.08
N ARG A 112 -14.26 15.14 9.96
CA ARG A 112 -13.74 15.49 8.63
C ARG A 112 -13.33 14.24 7.88
N TRP A 113 -12.74 13.31 8.61
CA TRP A 113 -12.21 12.13 7.95
C TRP A 113 -13.33 11.19 7.59
N LEU A 114 -14.31 11.10 8.46
CA LEU A 114 -15.44 10.26 8.20
C LEU A 114 -16.17 10.73 6.95
N GLN A 115 -16.13 12.05 6.71
CA GLN A 115 -16.82 12.67 5.57
C GLN A 115 -15.96 12.61 4.32
N GLU A 116 -14.77 12.04 4.43
CA GLU A 116 -13.87 11.95 3.28
C GLU A 116 -13.63 13.34 2.68
N GLU A 117 -13.48 14.34 3.54
CA GLU A 117 -13.15 15.68 3.09
C GLU A 117 -11.69 15.79 2.68
N PRO A 118 -11.43 16.48 1.57
CA PRO A 118 -10.03 16.89 1.38
C PRO A 118 -9.78 17.93 2.48
N GLY A 119 -8.55 18.00 2.95
CA GLY A 119 -8.28 18.90 4.06
C GLY A 119 -8.33 18.11 5.34
N ALA A 120 -8.92 16.91 5.30
CA ALA A 120 -8.81 15.98 6.42
C ALA A 120 -7.41 15.42 6.37
N PHE A 121 -6.91 14.99 7.53
CA PHE A 121 -5.62 14.32 7.50
C PHE A 121 -5.70 13.05 6.63
N ASN A 122 -4.63 12.81 5.90
CA ASN A 122 -4.54 11.68 4.99
C ASN A 122 -3.90 10.45 5.61
N TRP A 123 -4.70 9.44 5.88
CA TRP A 123 -4.21 8.20 6.48
C TRP A 123 -3.89 7.11 5.49
N SER A 124 -3.92 7.45 4.20
CA SER A 124 -3.74 6.45 3.15
C SER A 124 -2.42 5.65 3.26
N MET A 125 -1.31 6.28 3.69
CA MET A 125 -0.04 5.52 3.83
C MET A 125 -0.17 4.43 4.92
N TYR A 126 -0.92 4.74 5.96
CA TYR A 126 -1.14 3.80 7.06
C TYR A 126 -2.09 2.68 6.61
N SER A 127 -3.15 3.06 5.91
CA SER A 127 -4.10 2.10 5.39
C SER A 127 -3.42 1.12 4.44
N GLN A 128 -2.55 1.64 3.59
CA GLN A 128 -1.81 0.78 2.66
C GLN A 128 -0.91 -0.12 3.42
N HIS A 129 -0.20 0.43 4.40
CA HIS A 129 0.81 -0.36 5.07
C HIS A 129 0.11 -1.47 5.86
N ALA A 130 -1.06 -1.16 6.40
CA ALA A 130 -1.87 -2.18 7.08
C ALA A 130 -2.31 -3.26 6.09
N CYS A 131 -2.77 -2.84 4.92
CA CYS A 131 -3.12 -3.81 3.88
C CYS A 131 -1.92 -4.71 3.55
N LEU A 132 -0.74 -4.11 3.46
CA LEU A 132 0.49 -4.86 3.16
C LEU A 132 0.82 -5.90 4.22
N ILE A 133 0.64 -5.54 5.49
CA ILE A 133 1.05 -6.42 6.59
C ILE A 133 0.08 -7.54 6.79
N GLU A 134 -1.19 -7.26 6.56
CA GLU A 134 -2.20 -8.28 6.80
C GLU A 134 -2.14 -9.39 5.75
N GLY A 135 -1.58 -9.11 4.58
CA GLY A 135 -1.32 -10.14 3.58
C GLY A 135 -2.53 -10.81 2.96
N LYS A 136 -3.62 -10.08 2.78
CA LYS A 136 -4.83 -10.62 2.18
C LYS A 136 -5.08 -9.96 0.83
N GLY A 137 -4.15 -9.14 0.37
CA GLY A 137 -4.26 -8.52 -0.94
C GLY A 137 -5.29 -7.43 -1.03
N GLU A 138 -5.65 -6.86 0.11
CA GLU A 138 -6.70 -5.85 0.14
C GLU A 138 -6.17 -4.52 -0.30
N CYS A 139 -6.93 -3.76 -1.02
CA CYS A 139 -6.47 -2.44 -1.36
C CYS A 139 -6.87 -1.45 -0.29
N TRP A 140 -6.17 -0.34 -0.19
CA TRP A 140 -6.37 0.56 0.95
C TRP A 140 -7.69 1.31 0.90
N GLN A 141 -8.20 1.52 -0.30
CA GLN A 141 -9.46 2.21 -0.47
C GLN A 141 -10.59 1.42 0.13
N ASP A 142 -10.52 0.10 0.01
CA ASP A 142 -11.56 -0.77 0.56
C ASP A 142 -11.46 -0.79 2.10
N LYS A 143 -10.22 -0.86 2.60
CA LYS A 143 -9.96 -0.83 4.03
C LYS A 143 -10.63 0.41 4.66
N GLU A 144 -10.37 1.58 4.06
CA GLU A 144 -10.89 2.84 4.58
C GLU A 144 -12.37 2.87 4.49
N ARG A 145 -12.92 2.28 3.45
CA ARG A 145 -14.34 2.30 3.20
C ARG A 145 -15.02 1.46 4.25
N GLN A 146 -14.42 0.34 4.58
CA GLN A 146 -14.96 -0.53 5.59
C GLN A 146 -14.89 0.13 7.00
N LEU A 147 -13.86 0.90 7.23
CA LEU A 147 -13.64 1.55 8.53
C LEU A 147 -14.68 2.62 8.68
N ARG A 148 -14.82 3.47 7.67
CA ARG A 148 -15.84 4.49 7.73
C ARG A 148 -17.25 3.92 7.95
N ALA A 149 -17.51 2.72 7.42
CA ALA A 149 -18.83 2.13 7.53
C ALA A 149 -19.08 1.57 8.95
N ARG A 150 -18.03 1.04 9.55
CA ARG A 150 -18.15 0.34 10.81
C ARG A 150 -18.08 1.29 12.04
N VAL A 151 -17.64 2.53 11.83
CA VAL A 151 -17.60 3.52 12.89
C VAL A 151 -19.01 4.05 13.04
N LYS A 152 -19.68 3.70 14.12
CA LYS A 152 -21.11 3.97 14.28
C LYS A 152 -21.39 5.23 15.08
N ARG A 153 -20.36 5.72 15.77
CA ARG A 153 -20.50 6.93 16.57
C ARG A 153 -19.15 7.43 17.09
N VAL A 154 -19.09 8.74 17.30
CA VAL A 154 -17.92 9.42 17.85
C VAL A 154 -18.38 10.23 19.10
N LEU A 155 -17.90 9.84 20.27
CA LEU A 155 -18.48 10.24 21.55
C LEU A 155 -17.52 10.97 22.46
N PRO A 156 -18.05 11.87 23.29
CA PRO A 156 -17.20 12.47 24.34
C PRO A 156 -16.87 11.39 25.33
N ILE A 157 -15.68 11.44 25.89
CA ILE A 157 -15.31 10.51 26.96
C ILE A 157 -14.44 11.21 28.00
N ASP A 158 -14.55 10.81 29.26
CA ASP A 158 -13.60 11.25 30.26
C ASP A 158 -13.20 10.07 31.11
N VAL A 159 -11.99 9.59 30.94
CA VAL A 159 -11.60 8.38 31.63
C VAL A 159 -11.45 8.53 33.14
N HIS A 160 -11.47 9.76 33.67
CA HIS A 160 -11.34 9.96 35.11
C HIS A 160 -12.65 9.77 35.84
N GLN A 161 -13.73 9.74 35.07
CA GLN A 161 -15.05 9.51 35.61
C GLN A 161 -15.35 8.04 35.79
N PRO A 162 -16.09 7.70 36.85
CA PRO A 162 -16.40 6.27 37.08
C PRO A 162 -17.18 5.66 35.91
N GLN A 163 -17.99 6.47 35.26
CA GLN A 163 -18.64 6.11 34.00
C GLN A 163 -18.09 7.01 32.90
N PRO A 164 -17.06 6.56 32.18
CA PRO A 164 -16.32 7.44 31.25
C PRO A 164 -17.14 8.01 30.10
N LEU A 165 -18.16 7.27 29.67
CA LEU A 165 -19.07 7.73 28.61
C LEU A 165 -20.28 8.48 29.13
N GLY A 166 -20.51 8.43 30.46
CA GLY A 166 -21.63 9.14 31.03
C GLY A 166 -22.72 8.13 31.33
N ALA A 167 -23.91 8.56 31.72
CA ALA A 167 -24.89 7.59 32.22
C ALA A 167 -25.84 6.92 31.22
N GLY A 168 -26.58 7.65 30.41
CA GLY A 168 -27.34 6.98 29.37
C GLY A 168 -26.61 7.05 28.04
N SER A 169 -25.46 6.39 27.93
CA SER A 169 -24.63 6.54 26.73
C SER A 169 -25.26 5.79 25.60
N PRO A 170 -25.09 6.30 24.38
CA PRO A 170 -25.51 5.57 23.17
C PRO A 170 -24.82 4.21 23.09
N ALA A 171 -23.60 4.18 23.59
CA ALA A 171 -22.68 3.10 23.25
C ALA A 171 -23.20 1.74 23.72
N PRO A 172 -23.16 0.72 22.82
CA PRO A 172 -23.51 -0.63 23.24
C PRO A 172 -22.59 -1.12 24.34
N LEU A 173 -23.10 -1.33 25.55
CA LEU A 173 -22.29 -1.86 26.63
C LEU A 173 -22.90 -3.14 27.12
N PRO A 174 -22.07 -4.02 27.68
CA PRO A 174 -20.61 -3.88 27.68
C PRO A 174 -20.05 -4.22 26.30
N ALA A 175 -18.84 -3.75 26.02
CA ALA A 175 -18.22 -3.96 24.73
C ALA A 175 -17.44 -5.27 24.70
N ASP A 176 -17.27 -5.85 23.54
CA ASP A 176 -16.47 -7.07 23.41
C ASP A 176 -14.95 -6.80 23.44
N ALA A 177 -14.55 -5.58 23.13
CA ALA A 177 -13.12 -5.26 23.09
C ALA A 177 -12.89 -3.75 23.18
N LEU A 178 -11.74 -3.35 23.72
CA LEU A 178 -11.35 -1.95 23.82
C LEU A 178 -10.01 -1.83 23.14
N VAL A 179 -9.79 -0.72 22.44
CA VAL A 179 -8.46 -0.35 22.00
C VAL A 179 -8.16 1.02 22.64
N SER A 180 -6.93 1.24 23.08
CA SER A 180 -6.56 2.57 23.54
C SER A 180 -5.11 2.83 23.20
N ALA A 181 -4.83 3.88 22.45
CA ALA A 181 -3.44 4.19 22.13
C ALA A 181 -3.06 5.52 22.75
N PHE A 182 -2.01 5.54 23.54
CA PHE A 182 -1.43 6.77 24.03
C PHE A 182 -2.46 7.67 24.73
N CYS A 183 -3.41 7.10 25.46
CA CYS A 183 -4.37 7.90 26.16
C CYS A 183 -4.08 7.97 27.65
N LEU A 184 -4.12 6.83 28.31
CA LEU A 184 -4.20 6.80 29.74
C LEU A 184 -3.01 7.42 30.39
N GLU A 185 -1.83 7.11 29.93
CA GLU A 185 -0.65 7.73 30.52
C GLU A 185 -0.53 9.20 30.14
N ALA A 186 -1.22 9.62 29.08
CA ALA A 186 -1.10 11.00 28.64
C ALA A 186 -2.07 11.95 29.35
N VAL A 187 -3.00 11.40 30.13
CA VAL A 187 -4.03 12.19 30.79
C VAL A 187 -4.05 11.93 32.29
N SER A 188 -3.05 11.18 32.77
CA SER A 188 -2.98 10.84 34.17
C SER A 188 -1.80 11.56 34.80
N PRO A 189 -2.04 12.38 35.83
CA PRO A 189 -0.92 13.10 36.44
C PRO A 189 0.01 12.16 37.23
N ASP A 190 -0.52 11.04 37.71
CA ASP A 190 0.30 10.05 38.44
C ASP A 190 -0.19 8.62 38.22
N LEU A 191 0.57 7.66 38.77
CA LEU A 191 0.28 6.23 38.62
C LEU A 191 -1.06 5.83 39.19
N ALA A 192 -1.41 6.39 40.35
CA ALA A 192 -2.66 6.02 41.01
C ALA A 192 -3.85 6.43 40.12
N SER A 193 -3.68 7.56 39.44
CA SER A 193 -4.65 8.11 38.50
C SER A 193 -4.74 7.20 37.24
N PHE A 194 -3.58 6.74 36.80
CA PHE A 194 -3.46 5.78 35.70
C PHE A 194 -4.24 4.52 36.03
N GLN A 195 -3.97 3.98 37.21
CA GLN A 195 -4.62 2.79 37.68
C GLN A 195 -6.14 2.97 37.69
N ARG A 196 -6.63 4.06 38.28
CA ARG A 196 -8.08 4.31 38.37
C ARG A 196 -8.75 4.48 37.00
N ALA A 197 -8.05 5.16 36.11
CA ALA A 197 -8.56 5.33 34.74
C ALA A 197 -8.67 3.99 34.01
N LEU A 198 -7.69 3.14 34.26
CA LEU A 198 -7.75 1.79 33.76
C LEU A 198 -8.95 1.03 34.30
N ASP A 199 -9.19 1.11 35.61
CA ASP A 199 -10.34 0.47 36.25
C ASP A 199 -11.60 1.03 35.66
N HIS A 200 -11.66 2.35 35.49
CA HIS A 200 -12.83 2.95 34.88
C HIS A 200 -13.11 2.39 33.44
N ILE A 201 -12.14 2.38 32.54
CA ILE A 201 -12.48 1.88 31.20
C ILE A 201 -12.80 0.38 31.24
N THR A 202 -12.25 -0.33 32.22
CA THR A 202 -12.49 -1.76 32.36
C THR A 202 -13.95 -2.11 32.66
N THR A 203 -14.70 -1.17 33.26
CA THR A 203 -16.13 -1.37 33.42
C THR A 203 -16.87 -1.41 32.07
N LEU A 204 -16.29 -0.85 30.99
CA LEU A 204 -16.96 -0.83 29.67
C LEU A 204 -16.83 -2.15 28.94
N LEU A 205 -15.97 -3.02 29.43
CA LEU A 205 -15.60 -4.24 28.71
C LEU A 205 -16.22 -5.47 29.35
N ARG A 206 -16.79 -6.34 28.55
CA ARG A 206 -17.38 -7.53 29.12
C ARG A 206 -16.27 -8.42 29.68
N PRO A 207 -16.63 -9.29 30.62
CA PRO A 207 -15.64 -10.28 31.10
C PRO A 207 -15.31 -11.27 29.97
N GLY A 208 -14.07 -11.71 29.87
CA GLY A 208 -13.65 -12.51 28.72
C GLY A 208 -13.26 -11.62 27.55
N GLY A 209 -13.51 -10.31 27.68
CA GLY A 209 -13.21 -9.35 26.62
C GLY A 209 -11.75 -8.89 26.56
N HIS A 210 -11.35 -8.28 25.44
CA HIS A 210 -9.95 -7.98 25.19
C HIS A 210 -9.66 -6.48 25.18
N LEU A 211 -8.48 -6.13 25.70
CA LEU A 211 -7.97 -4.76 25.67
C LEU A 211 -6.63 -4.76 24.96
N LEU A 212 -6.51 -3.85 24.00
CA LEU A 212 -5.27 -3.62 23.29
C LEU A 212 -4.86 -2.25 23.71
N LEU A 213 -3.67 -2.16 24.26
CA LEU A 213 -3.25 -0.93 24.89
C LEU A 213 -1.87 -0.61 24.34
N ILE A 214 -1.75 0.54 23.72
CA ILE A 214 -0.48 1.04 23.26
C ILE A 214 -0.16 2.29 24.04
N GLY A 215 1.10 2.50 24.37
CA GLY A 215 1.43 3.69 25.13
C GLY A 215 2.90 3.99 25.18
N ALA A 216 3.21 5.20 25.65
CA ALA A 216 4.57 5.70 25.79
C ALA A 216 5.24 5.20 27.08
N LEU A 217 6.53 4.86 27.01
CA LEU A 217 7.25 4.42 28.20
C LEU A 217 8.20 5.52 28.66
N GLU A 218 8.15 5.84 29.96
CA GLU A 218 9.12 6.76 30.59
C GLU A 218 9.11 8.13 29.90
N GLU A 219 7.91 8.61 29.63
CA GLU A 219 7.75 9.95 29.08
C GLU A 219 7.13 10.84 30.13
N SER A 220 7.55 12.10 30.16
CA SER A 220 7.04 13.06 31.14
C SER A 220 6.40 14.27 30.45
N TRP A 221 6.70 14.46 29.16
CA TRP A 221 6.04 15.48 28.36
C TRP A 221 6.02 15.21 26.83
N TYR A 222 5.05 15.85 26.17
CA TYR A 222 5.03 15.91 24.72
C TYR A 222 4.38 17.21 24.30
N LEU A 223 4.62 17.59 23.04
CA LEU A 223 4.08 18.81 22.45
C LEU A 223 2.96 18.59 21.42
N ALA A 224 1.93 19.41 21.53
CA ALA A 224 0.81 19.47 20.59
C ALA A 224 0.54 20.94 20.17
N GLY A 225 1.53 21.56 19.51
CA GLY A 225 1.44 22.96 19.12
C GLY A 225 1.83 23.85 20.29
N GLU A 226 0.99 24.82 20.59
CA GLU A 226 1.18 25.68 21.76
C GLU A 226 1.39 24.83 23.01
N ALA A 227 0.56 23.81 23.13
CA ALA A 227 0.46 23.00 24.35
C ALA A 227 1.66 22.09 24.56
N ARG A 228 2.22 22.14 25.78
CA ARG A 228 3.20 21.18 26.27
C ARG A 228 2.59 20.43 27.46
N LEU A 229 2.37 19.13 27.28
CA LEU A 229 1.51 18.36 28.18
C LEU A 229 2.39 17.55 29.08
N THR A 230 2.01 17.53 30.35
CA THR A 230 2.68 16.75 31.37
C THR A 230 2.02 15.40 31.40
N VAL A 231 2.85 14.35 31.45
CA VAL A 231 2.33 13.02 31.50
C VAL A 231 3.13 12.21 32.50
N VAL A 232 2.53 11.16 33.06
CA VAL A 232 3.23 10.30 34.00
C VAL A 232 4.17 9.35 33.28
N PRO A 233 5.48 9.37 33.62
CA PRO A 233 6.32 8.31 33.05
C PRO A 233 5.99 6.96 33.68
N VAL A 234 5.79 5.94 32.85
CA VAL A 234 5.50 4.60 33.34
C VAL A 234 6.50 3.65 32.71
N SER A 235 6.70 2.53 33.39
CA SER A 235 7.58 1.49 32.93
C SER A 235 6.69 0.33 32.49
N GLU A 236 7.28 -0.67 31.83
CA GLU A 236 6.57 -1.87 31.50
C GLU A 236 6.02 -2.58 32.74
N GLU A 237 6.85 -2.64 33.79
CA GLU A 237 6.49 -3.31 35.06
C GLU A 237 5.22 -2.68 35.59
N GLU A 238 5.20 -1.35 35.66
CA GLU A 238 4.03 -0.62 36.12
C GLU A 238 2.79 -0.91 35.26
N VAL A 239 2.98 -0.97 33.94
CA VAL A 239 1.84 -1.20 33.05
C VAL A 239 1.28 -2.57 33.37
N ARG A 240 2.18 -3.55 33.48
CA ARG A 240 1.76 -4.92 33.75
C ARG A 240 1.04 -5.08 35.10
N GLU A 241 1.55 -4.42 36.14
CA GLU A 241 0.94 -4.56 37.47
C GLU A 241 -0.46 -3.95 37.42
N ALA A 242 -0.58 -2.81 36.77
CA ALA A 242 -1.87 -2.15 36.64
C ALA A 242 -2.90 -3.01 35.94
N LEU A 243 -2.50 -3.72 34.89
CA LEU A 243 -3.42 -4.60 34.18
C LEU A 243 -3.89 -5.71 35.13
N VAL A 244 -2.93 -6.36 35.77
CA VAL A 244 -3.24 -7.38 36.77
C VAL A 244 -4.20 -6.85 37.85
N ARG A 245 -3.89 -5.71 38.43
CA ARG A 245 -4.76 -5.15 39.48
C ARG A 245 -6.13 -4.84 38.95
N SER A 246 -6.27 -4.55 37.66
CA SER A 246 -7.60 -4.23 37.15
C SER A 246 -8.37 -5.48 36.77
N GLY A 247 -7.74 -6.65 36.90
CA GLY A 247 -8.47 -7.89 36.70
C GLY A 247 -8.26 -8.48 35.30
N TYR A 248 -7.08 -8.29 34.74
CA TYR A 248 -6.75 -8.81 33.41
C TYR A 248 -5.67 -9.86 33.52
N LYS A 249 -5.75 -10.85 32.63
CA LYS A 249 -4.62 -11.70 32.34
C LYS A 249 -3.85 -11.08 31.17
N VAL A 250 -2.55 -10.98 31.29
CA VAL A 250 -1.74 -10.38 30.25
C VAL A 250 -1.32 -11.47 29.26
N ARG A 251 -1.74 -11.32 28.01
CA ARG A 251 -1.45 -12.30 26.96
C ARG A 251 -0.18 -11.94 26.25
N ASP A 252 0.10 -10.65 26.18
CA ASP A 252 1.28 -10.17 25.50
C ASP A 252 1.61 -8.77 25.99
N LEU A 253 2.89 -8.49 26.12
CA LEU A 253 3.31 -7.16 26.51
C LEU A 253 4.65 -6.93 25.84
N ARG A 254 4.68 -6.01 24.87
CA ARG A 254 5.84 -5.85 24.03
C ARG A 254 6.39 -4.47 24.19
N THR A 255 7.71 -4.33 24.03
CA THR A 255 8.36 -3.04 24.11
C THR A 255 9.17 -2.67 22.89
N TYR A 256 9.01 -1.42 22.46
CA TYR A 256 9.84 -0.87 21.37
C TYR A 256 10.71 0.23 21.96
N ILE A 257 12.01 0.18 21.72
CA ILE A 257 12.92 1.21 22.21
C ILE A 257 13.11 2.27 21.16
N MET A 258 12.78 3.51 21.50
CA MET A 258 12.86 4.59 20.52
C MET A 258 14.32 4.85 20.06
N PRO A 259 14.60 4.72 18.74
CA PRO A 259 15.94 5.09 18.27
C PRO A 259 16.18 6.60 18.30
N ALA A 260 17.46 6.95 18.39
CA ALA A 260 17.90 8.32 18.58
C ALA A 260 17.34 9.21 17.48
N HIS A 261 17.38 8.69 16.25
CA HIS A 261 16.89 9.38 15.04
CA HIS A 261 16.93 9.47 15.10
C HIS A 261 15.44 9.82 15.17
N LEU A 262 14.67 9.09 15.97
CA LEU A 262 13.26 9.45 16.15
C LEU A 262 13.03 10.29 17.42
N GLN A 263 14.11 10.63 18.12
CA GLN A 263 14.04 11.53 19.27
C GLN A 263 14.27 12.95 18.80
N THR A 264 13.15 13.62 18.53
CA THR A 264 13.08 14.86 17.76
C THR A 264 12.70 16.13 18.55
N GLY A 265 12.41 16.00 19.84
CA GLY A 265 12.14 17.20 20.62
C GLY A 265 10.65 17.45 20.78
N VAL A 266 9.84 16.58 20.18
CA VAL A 266 8.38 16.67 20.31
C VAL A 266 7.90 16.02 21.62
N ASP A 267 8.78 15.23 22.24
CA ASP A 267 8.53 14.60 23.55
C ASP A 267 9.85 14.05 24.12
N ASP A 268 9.82 13.46 25.31
CA ASP A 268 11.02 12.83 25.89
C ASP A 268 10.78 11.32 26.01
N VAL A 269 10.07 10.76 25.03
CA VAL A 269 9.63 9.38 25.11
C VAL A 269 10.84 8.46 24.98
N LYS A 270 10.91 7.35 25.73
CA LYS A 270 12.04 6.42 25.61
C LYS A 270 11.67 5.17 24.84
N GLY A 271 10.40 4.77 24.97
CA GLY A 271 9.92 3.60 24.27
C GLY A 271 8.42 3.60 24.14
N VAL A 272 7.91 2.54 23.51
CA VAL A 272 6.47 2.36 23.37
C VAL A 272 6.17 0.94 23.80
N PHE A 273 5.03 0.75 24.48
CA PHE A 273 4.58 -0.57 24.84
C PHE A 273 3.29 -0.90 24.12
N PHE A 274 3.12 -2.17 23.83
CA PHE A 274 1.90 -2.73 23.36
C PHE A 274 1.50 -3.83 24.32
N ALA A 275 0.31 -3.71 24.89
CA ALA A 275 -0.22 -4.75 25.76
C ALA A 275 -1.48 -5.36 25.17
N TRP A 276 -1.53 -6.69 25.14
CA TRP A 276 -2.77 -7.43 24.88
C TRP A 276 -3.20 -8.11 26.17
N ALA A 277 -4.38 -7.77 26.68
CA ALA A 277 -4.85 -8.28 27.97
C ALA A 277 -6.32 -8.70 27.82
N GLN A 278 -6.69 -9.69 28.61
CA GLN A 278 -8.04 -10.24 28.57
C GLN A 278 -8.63 -10.15 29.95
N LYS A 279 -9.84 -9.64 30.03
CA LYS A 279 -10.49 -9.43 31.31
C LYS A 279 -11.02 -10.76 31.86
N VAL A 280 -10.64 -11.10 33.08
CA VAL A 280 -11.00 -12.40 33.69
C VAL A 280 -12.52 -12.68 33.69
N ALA B 26 0.72 6.53 -38.73
CA ALA B 26 -0.47 6.06 -38.04
C ALA B 26 -0.26 6.15 -36.52
N TYR B 27 0.85 5.56 -36.09
CA TYR B 27 1.27 5.79 -34.71
C TYR B 27 1.62 7.26 -34.52
N GLN B 28 1.66 8.01 -35.62
CA GLN B 28 2.05 9.41 -35.56
C GLN B 28 0.98 10.29 -34.93
N ARG B 29 -0.24 9.77 -34.79
CA ARG B 29 -1.28 10.52 -34.08
C ARG B 29 -1.53 10.01 -32.64
N PHE B 30 -0.76 9.00 -32.23
CA PHE B 30 -0.90 8.33 -30.92
C PHE B 30 -0.78 9.33 -29.78
N GLU B 31 -1.83 9.48 -28.95
CA GLU B 31 -1.79 10.37 -27.77
C GLU B 31 -1.52 9.55 -26.46
N PRO B 32 -0.30 9.62 -25.91
CA PRO B 32 0.04 8.94 -24.64
C PRO B 32 -1.01 9.12 -23.55
N ARG B 33 -1.46 10.34 -23.32
CA ARG B 33 -2.36 10.55 -22.21
C ARG B 33 -3.72 9.92 -22.46
N ALA B 34 -4.12 9.85 -23.73
CA ALA B 34 -5.37 9.23 -24.08
C ALA B 34 -5.27 7.71 -23.86
N TYR B 35 -4.15 7.16 -24.28
CA TYR B 35 -3.89 5.76 -24.11
C TYR B 35 -3.87 5.38 -22.61
N LEU B 36 -3.27 6.22 -21.79
CA LEU B 36 -3.17 5.94 -20.37
C LEU B 36 -4.54 6.01 -19.74
N ARG B 37 -5.32 7.00 -20.15
CA ARG B 37 -6.69 7.15 -19.69
C ARG B 37 -7.53 5.94 -20.06
N ASN B 38 -7.37 5.47 -21.28
CA ASN B 38 -8.18 4.37 -21.78
C ASN B 38 -7.85 3.05 -21.13
N ASN B 39 -6.58 2.86 -20.76
CA ASN B 39 -6.14 1.54 -20.28
C ASN B 39 -5.65 1.49 -18.86
N TYR B 40 -5.28 2.62 -18.28
CA TYR B 40 -4.63 2.61 -16.96
C TYR B 40 -5.29 3.51 -15.93
N ALA B 41 -6.47 4.03 -16.29
CA ALA B 41 -7.38 4.69 -15.37
C ALA B 41 -8.69 3.89 -15.34
N PRO B 42 -9.56 4.13 -14.34
CA PRO B 42 -10.75 3.28 -14.20
C PRO B 42 -11.66 3.25 -15.43
N PRO B 43 -12.36 2.13 -15.67
CA PRO B 43 -12.41 0.86 -14.93
C PRO B 43 -11.20 -0.09 -15.13
N ARG B 44 -10.53 -0.09 -16.27
CA ARG B 44 -9.42 -1.05 -16.46
C ARG B 44 -8.26 -0.85 -15.49
N GLY B 45 -8.09 0.39 -15.02
CA GLY B 45 -7.03 0.71 -14.08
C GLY B 45 -7.50 0.69 -12.65
N ASP B 46 -8.70 0.16 -12.41
CA ASP B 46 -9.18 -0.01 -11.03
C ASP B 46 -8.58 -1.29 -10.50
N LEU B 47 -7.59 -1.15 -9.63
CA LEU B 47 -6.89 -2.31 -9.11
C LEU B 47 -7.54 -2.88 -7.84
N CYS B 48 -8.66 -2.33 -7.40
CA CYS B 48 -9.32 -2.85 -6.20
C CYS B 48 -9.96 -4.23 -6.34
N ASN B 49 -10.57 -4.50 -7.49
CA ASN B 49 -11.07 -5.84 -7.72
C ASN B 49 -9.96 -6.78 -8.18
N PRO B 50 -9.76 -7.90 -7.47
CA PRO B 50 -8.66 -8.78 -7.87
C PRO B 50 -8.96 -9.55 -9.15
N ASN B 51 -10.20 -9.55 -9.62
CA ASN B 51 -10.56 -10.24 -10.86
C ASN B 51 -10.37 -9.40 -12.11
N GLY B 52 -9.78 -8.22 -11.93
CA GLY B 52 -9.50 -7.32 -13.03
C GLY B 52 -8.22 -7.64 -13.79
N VAL B 53 -8.04 -7.00 -14.93
CA VAL B 53 -6.91 -7.30 -15.81
C VAL B 53 -5.60 -6.75 -15.25
N GLY B 54 -5.65 -5.64 -14.53
CA GLY B 54 -4.42 -5.06 -14.01
C GLY B 54 -3.79 -5.95 -12.95
N PRO B 55 -4.59 -6.36 -11.97
CA PRO B 55 -4.05 -7.27 -10.95
C PRO B 55 -3.59 -8.60 -11.53
N TRP B 56 -4.32 -9.09 -12.54
CA TRP B 56 -3.93 -10.32 -13.22
C TRP B 56 -2.54 -10.18 -13.86
N LYS B 57 -2.32 -9.11 -14.59
CA LYS B 57 -1.02 -8.88 -15.17
C LYS B 57 0.11 -8.76 -14.14
N LEU B 58 -0.11 -7.93 -13.11
CA LEU B 58 0.93 -7.77 -12.08
C LEU B 58 1.26 -9.12 -11.41
N ARG B 59 0.25 -9.95 -11.22
CA ARG B 59 0.43 -11.28 -10.63
C ARG B 59 1.26 -12.18 -11.50
N CYS B 60 1.05 -12.10 -12.82
CA CYS B 60 1.78 -12.97 -13.72
C CYS B 60 3.23 -12.64 -13.57
N LEU B 61 3.52 -11.35 -13.65
CA LEU B 61 4.90 -10.88 -13.60
C LEU B 61 5.51 -11.23 -12.25
N ALA B 62 4.78 -11.00 -11.17
CA ALA B 62 5.30 -11.23 -9.82
C ALA B 62 5.60 -12.70 -9.56
N GLN B 63 4.67 -13.55 -9.94
CA GLN B 63 4.83 -14.99 -9.74
C GLN B 63 6.05 -15.46 -10.49
N THR B 64 6.25 -14.90 -11.68
CA THR B 64 7.29 -15.37 -12.56
C THR B 64 8.66 -15.00 -12.00
N PHE B 65 8.83 -13.77 -11.55
CA PHE B 65 10.11 -13.40 -10.95
C PHE B 65 10.34 -14.08 -9.60
N ALA B 66 9.28 -14.44 -8.89
CA ALA B 66 9.43 -15.01 -7.55
C ALA B 66 9.94 -16.47 -7.60
N THR B 67 10.11 -17.02 -8.81
CA THR B 67 10.65 -18.37 -8.94
C THR B 67 12.19 -18.39 -8.84
N GLY B 68 12.81 -17.24 -9.04
CA GLY B 68 14.24 -17.09 -9.01
C GLY B 68 14.96 -17.42 -10.32
N GLU B 69 14.24 -17.96 -11.31
CA GLU B 69 14.87 -18.46 -12.52
C GLU B 69 15.09 -17.40 -13.59
N VAL B 70 14.53 -16.22 -13.35
CA VAL B 70 14.68 -15.11 -14.28
C VAL B 70 15.51 -14.03 -13.61
N SER B 71 16.79 -14.01 -13.97
CA SER B 71 17.77 -13.23 -13.23
C SER B 71 18.89 -12.85 -14.17
N GLY B 72 19.68 -11.87 -13.76
CA GLY B 72 20.81 -11.44 -14.56
C GLY B 72 21.10 -10.00 -14.24
N ARG B 73 21.86 -9.36 -15.12
CA ARG B 73 22.32 -8.00 -14.89
C ARG B 73 21.53 -7.01 -15.74
N THR B 74 21.13 -7.44 -16.93
CA THR B 74 20.57 -6.55 -17.94
C THR B 74 19.21 -6.99 -18.47
N LEU B 75 18.35 -6.00 -18.67
CA LEU B 75 17.01 -6.23 -19.14
C LEU B 75 16.59 -5.14 -20.08
N ILE B 76 15.86 -5.53 -21.10
CA ILE B 76 15.29 -4.53 -22.01
C ILE B 76 13.79 -4.69 -22.05
N ASP B 77 13.13 -3.55 -21.98
CA ASP B 77 11.69 -3.46 -22.12
C ASP B 77 11.39 -2.91 -23.52
N ILE B 78 10.76 -3.74 -24.36
CA ILE B 78 10.50 -3.42 -25.77
C ILE B 78 9.15 -2.75 -25.94
N GLY B 79 9.16 -1.53 -26.46
CA GLY B 79 7.91 -0.83 -26.76
C GLY B 79 7.14 -0.51 -25.50
N SER B 80 7.84 0.09 -24.54
CA SER B 80 7.32 0.37 -23.21
C SER B 80 6.17 1.36 -23.24
N GLY B 81 6.04 2.08 -24.35
CA GLY B 81 5.06 3.14 -24.41
C GLY B 81 5.28 4.09 -23.22
N PRO B 82 4.22 4.67 -22.69
CA PRO B 82 4.35 5.59 -21.57
C PRO B 82 4.16 4.88 -20.25
N THR B 83 4.45 3.57 -20.18
CA THR B 83 4.02 2.81 -18.98
C THR B 83 5.21 2.19 -18.26
N VAL B 84 5.08 1.98 -16.94
CA VAL B 84 6.14 1.41 -16.14
C VAL B 84 5.74 0.15 -15.38
N TYR B 85 4.43 -0.14 -15.33
CA TYR B 85 3.95 -1.20 -14.44
C TYR B 85 4.65 -2.49 -14.76
N GLN B 86 5.11 -2.63 -16.01
CA GLN B 86 5.59 -3.93 -16.47
C GLN B 86 6.99 -4.24 -15.96
N LEU B 87 7.62 -3.28 -15.29
CA LEU B 87 8.95 -3.48 -14.66
C LEU B 87 8.97 -3.45 -13.12
N LEU B 88 7.81 -3.27 -12.52
CA LEU B 88 7.74 -3.17 -11.08
C LEU B 88 8.29 -4.37 -10.34
N SER B 89 7.96 -5.56 -10.80
CA SER B 89 8.48 -6.74 -10.14
C SER B 89 9.86 -7.07 -10.71
N ALA B 90 10.06 -6.75 -11.99
CA ALA B 90 11.30 -7.10 -12.66
C ALA B 90 12.51 -6.41 -12.04
N CYS B 91 12.30 -5.20 -11.54
CA CYS B 91 13.41 -4.31 -11.24
C CYS B 91 14.25 -4.71 -10.02
N SER B 92 13.82 -5.68 -9.23
CA SER B 92 14.61 -6.13 -8.08
C SER B 92 15.53 -7.27 -8.49
N HIS B 93 15.53 -7.67 -9.75
CA HIS B 93 16.34 -8.80 -10.23
C HIS B 93 17.27 -8.43 -11.35
N PHE B 94 17.27 -7.15 -11.72
CA PHE B 94 18.12 -6.65 -12.80
C PHE B 94 18.58 -5.25 -12.47
N GLU B 95 19.90 -5.07 -12.38
CA GLU B 95 20.46 -3.79 -11.97
C GLU B 95 20.62 -2.78 -13.11
N ASP B 96 20.64 -3.24 -14.36
CA ASP B 96 20.71 -2.35 -15.55
C ASP B 96 19.46 -2.56 -16.44
N ILE B 97 18.62 -1.54 -16.49
CA ILE B 97 17.38 -1.66 -17.23
C ILE B 97 17.33 -0.61 -18.32
N THR B 98 17.02 -1.09 -19.53
CA THR B 98 16.80 -0.22 -20.68
C THR B 98 15.32 -0.24 -21.04
N MET B 99 14.71 0.94 -21.13
CA MET B 99 13.36 1.08 -21.62
C MET B 99 13.42 1.63 -23.02
N THR B 100 12.40 1.30 -23.83
CA THR B 100 12.38 1.72 -25.24
C THR B 100 10.97 2.02 -25.77
N ASP B 101 10.90 2.95 -26.71
CA ASP B 101 9.70 3.10 -27.54
C ASP B 101 9.99 3.75 -28.89
N PHE B 102 9.07 3.53 -29.83
CA PHE B 102 9.19 4.02 -31.18
C PHE B 102 8.95 5.51 -31.20
N LEU B 103 8.11 6.01 -30.30
CA LEU B 103 7.69 7.40 -30.33
C LEU B 103 8.36 8.28 -29.29
N GLU B 104 8.81 9.44 -29.73
CA GLU B 104 9.43 10.43 -28.86
C GLU B 104 8.48 10.83 -27.74
N VAL B 105 7.23 11.08 -28.09
CA VAL B 105 6.25 11.55 -27.11
C VAL B 105 6.06 10.55 -25.96
N ASN B 106 6.33 9.28 -26.20
CA ASN B 106 6.26 8.29 -25.14
C ASN B 106 7.53 8.27 -24.34
N ARG B 107 8.65 8.44 -25.03
CA ARG B 107 9.95 8.47 -24.37
C ARG B 107 9.97 9.61 -23.38
N GLN B 108 9.29 10.70 -23.72
CA GLN B 108 9.37 11.88 -22.89
C GLN B 108 8.36 11.80 -21.76
N GLU B 109 7.32 11.01 -21.95
CA GLU B 109 6.33 10.82 -20.90
C GLU B 109 6.98 9.88 -19.85
N LEU B 110 7.71 8.88 -20.31
CA LEU B 110 8.55 8.09 -19.41
C LEU B 110 9.52 8.94 -18.61
N GLY B 111 10.29 9.75 -19.33
CA GLY B 111 11.30 10.59 -18.72
C GLY B 111 10.67 11.47 -17.66
N ARG B 112 9.47 11.96 -17.94
CA ARG B 112 8.77 12.77 -16.97
C ARG B 112 8.54 11.99 -15.68
N TRP B 113 8.35 10.68 -15.77
CA TRP B 113 8.06 9.90 -14.57
C TRP B 113 9.34 9.47 -13.90
N LEU B 114 10.34 9.15 -14.71
CA LEU B 114 11.60 8.69 -14.17
C LEU B 114 12.31 9.80 -13.40
N GLN B 115 12.10 11.04 -13.84
CA GLN B 115 12.78 12.20 -13.28
C GLN B 115 11.89 12.97 -12.31
N GLU B 116 10.77 12.36 -11.93
CA GLU B 116 9.78 12.99 -11.02
C GLU B 116 9.40 14.41 -11.38
N GLU B 117 9.23 14.66 -12.68
CA GLU B 117 8.91 15.99 -13.19
C GLU B 117 7.43 16.26 -13.04
N PRO B 118 7.00 17.48 -13.40
CA PRO B 118 5.58 17.82 -13.29
C PRO B 118 4.74 17.19 -14.40
N GLY B 119 3.53 16.76 -14.02
CA GLY B 119 2.58 16.23 -14.98
C GLY B 119 2.92 14.80 -15.37
N ALA B 120 3.73 14.14 -14.55
CA ALA B 120 4.04 12.73 -14.77
C ALA B 120 2.78 11.95 -14.47
N PHE B 121 2.63 10.77 -15.06
CA PHE B 121 1.49 9.94 -14.76
C PHE B 121 1.68 9.38 -13.33
N ASN B 122 0.59 9.22 -12.59
CA ASN B 122 0.64 8.64 -11.23
C ASN B 122 0.52 7.12 -11.29
N TRP B 123 1.66 6.44 -11.17
CA TRP B 123 1.70 4.98 -11.13
C TRP B 123 1.63 4.41 -9.72
N SER B 124 1.39 5.25 -8.72
CA SER B 124 1.54 4.81 -7.32
C SER B 124 0.65 3.62 -6.97
N MET B 125 -0.57 3.57 -7.50
N MET B 125 -0.56 3.60 -7.52
CA MET B 125 -1.45 2.44 -7.20
CA MET B 125 -1.53 2.53 -7.29
C MET B 125 -0.90 1.14 -7.75
C MET B 125 -0.98 1.18 -7.78
N TYR B 126 -0.26 1.19 -8.92
CA TYR B 126 0.32 -0.03 -9.49
C TYR B 126 1.50 -0.50 -8.63
N SER B 127 2.32 0.44 -8.19
CA SER B 127 3.45 0.13 -7.31
C SER B 127 2.98 -0.49 -5.98
N GLN B 128 1.89 0.07 -5.46
CA GLN B 128 1.29 -0.40 -4.22
C GLN B 128 0.80 -1.82 -4.40
N HIS B 129 0.13 -2.09 -5.51
CA HIS B 129 -0.39 -3.44 -5.73
C HIS B 129 0.70 -4.40 -6.01
N ALA B 130 1.76 -3.95 -6.67
CA ALA B 130 2.90 -4.83 -6.84
C ALA B 130 3.50 -5.22 -5.47
N CYS B 131 3.59 -4.25 -4.56
CA CYS B 131 4.13 -4.52 -3.21
C CYS B 131 3.28 -5.49 -2.46
N LEU B 132 1.98 -5.31 -2.58
CA LEU B 132 1.02 -6.18 -1.94
C LEU B 132 1.16 -7.59 -2.43
N ILE B 133 1.23 -7.76 -3.75
CA ILE B 133 1.33 -9.10 -4.37
C ILE B 133 2.61 -9.83 -4.06
N GLU B 134 3.72 -9.12 -4.00
CA GLU B 134 5.00 -9.79 -3.84
C GLU B 134 5.17 -10.30 -2.42
N GLY B 135 4.55 -9.62 -1.47
CA GLY B 135 4.48 -10.09 -0.09
C GLY B 135 5.75 -9.99 0.76
N LYS B 136 6.65 -9.07 0.45
CA LYS B 136 7.91 -8.95 1.17
C LYS B 136 7.91 -7.77 2.15
N GLY B 137 6.74 -7.16 2.35
CA GLY B 137 6.64 -6.01 3.23
C GLY B 137 7.18 -4.72 2.63
N GLU B 138 7.48 -4.70 1.34
CA GLU B 138 8.11 -3.52 0.77
C GLU B 138 7.14 -2.35 0.68
N CYS B 139 7.58 -1.14 1.03
CA CYS B 139 6.77 0.04 0.76
C CYS B 139 6.87 0.50 -0.73
N TRP B 140 5.84 1.17 -1.21
CA TRP B 140 5.73 1.44 -2.62
C TRP B 140 6.68 2.53 -3.06
N GLN B 141 7.04 3.43 -2.14
CA GLN B 141 8.03 4.46 -2.47
C GLN B 141 9.42 3.87 -2.68
N ASP B 142 9.75 2.82 -1.95
CA ASP B 142 11.01 2.14 -2.16
C ASP B 142 11.06 1.42 -3.51
N LYS B 143 9.94 0.85 -3.91
CA LYS B 143 9.86 0.12 -5.18
C LYS B 143 10.06 1.10 -6.35
N GLU B 144 9.40 2.25 -6.29
CA GLU B 144 9.56 3.28 -7.29
C GLU B 144 10.96 3.82 -7.33
N ARG B 145 11.52 4.04 -6.15
CA ARG B 145 12.89 4.54 -6.04
C ARG B 145 13.78 3.57 -6.79
N GLN B 146 13.62 2.28 -6.49
CA GLN B 146 14.50 1.24 -7.04
C GLN B 146 14.36 1.15 -8.57
N LEU B 147 13.14 1.32 -9.06
CA LEU B 147 12.89 1.19 -10.50
C LEU B 147 13.59 2.35 -11.18
N ARG B 148 13.42 3.55 -10.61
CA ARG B 148 13.96 4.76 -11.19
C ARG B 148 15.48 4.74 -11.25
N ALA B 149 16.07 4.03 -10.30
CA ALA B 149 17.51 3.98 -10.15
C ALA B 149 18.12 3.03 -11.16
N ARG B 150 17.40 1.92 -11.39
CA ARG B 150 17.94 0.83 -12.18
C ARG B 150 17.64 0.99 -13.69
N VAL B 151 16.79 1.95 -14.05
CA VAL B 151 16.55 2.29 -15.46
C VAL B 151 17.56 3.35 -15.88
N LYS B 152 18.54 2.94 -16.67
CA LYS B 152 19.67 3.80 -17.00
C LYS B 152 19.41 4.65 -18.23
N ARG B 153 18.63 4.11 -19.15
CA ARG B 153 18.41 4.77 -20.41
C ARG B 153 17.05 4.45 -21.03
N VAL B 154 16.58 5.41 -21.83
CA VAL B 154 15.34 5.29 -22.56
C VAL B 154 15.64 5.53 -24.06
N LEU B 155 15.71 4.45 -24.85
CA LEU B 155 16.14 4.53 -26.25
C LEU B 155 15.04 4.37 -27.31
N PRO B 156 15.26 4.93 -28.51
CA PRO B 156 14.42 4.60 -29.65
C PRO B 156 14.51 3.11 -30.02
N ILE B 157 13.49 2.62 -30.70
CA ILE B 157 13.45 1.23 -31.14
C ILE B 157 12.43 1.11 -32.27
N ASP B 158 12.68 0.16 -33.16
CA ASP B 158 11.75 -0.19 -34.23
C ASP B 158 11.90 -1.66 -34.48
N VAL B 159 10.96 -2.44 -33.96
CA VAL B 159 11.03 -3.90 -34.07
C VAL B 159 10.90 -4.40 -35.51
N HIS B 160 10.57 -3.52 -36.45
CA HIS B 160 10.47 -3.92 -37.85
C HIS B 160 11.83 -4.00 -38.52
N GLN B 161 12.85 -3.49 -37.81
CA GLN B 161 14.25 -3.59 -38.23
C GLN B 161 14.93 -4.83 -37.64
N PRO B 162 15.81 -5.49 -38.42
CA PRO B 162 16.53 -6.66 -37.89
C PRO B 162 17.50 -6.28 -36.79
N GLN B 163 17.82 -4.99 -36.71
CA GLN B 163 18.57 -4.42 -35.59
C GLN B 163 17.70 -3.33 -34.92
N PRO B 164 16.71 -3.75 -34.09
CA PRO B 164 15.68 -2.86 -33.54
C PRO B 164 16.23 -1.61 -32.88
N LEU B 165 17.46 -1.70 -32.39
CA LEU B 165 18.12 -0.58 -31.71
C LEU B 165 19.14 0.18 -32.56
N GLY B 166 19.51 -0.36 -33.72
CA GLY B 166 20.61 0.17 -34.50
C GLY B 166 21.90 -0.51 -34.06
N ALA B 167 23.04 -0.04 -34.56
CA ALA B 167 24.33 -0.64 -34.22
C ALA B 167 25.07 0.17 -33.13
N GLY B 168 24.94 1.50 -33.20
CA GLY B 168 25.55 2.38 -32.21
C GLY B 168 24.67 2.45 -30.98
N SER B 169 24.58 1.33 -30.28
CA SER B 169 23.59 1.16 -29.22
C SER B 169 24.20 1.24 -27.82
N PRO B 170 23.68 2.16 -27.04
CA PRO B 170 24.15 2.40 -25.68
C PRO B 170 23.91 1.20 -24.78
N ALA B 171 23.08 0.29 -25.26
CA ALA B 171 22.51 -0.81 -24.48
C ALA B 171 23.46 -1.99 -24.40
N PRO B 172 23.70 -2.50 -23.18
CA PRO B 172 24.48 -3.75 -23.07
C PRO B 172 23.83 -4.86 -23.88
N LEU B 173 24.59 -5.52 -24.74
CA LEU B 173 24.07 -6.64 -25.50
C LEU B 173 25.05 -7.79 -25.43
N PRO B 174 24.54 -9.04 -25.51
CA PRO B 174 23.10 -9.30 -25.54
C PRO B 174 22.49 -9.06 -24.14
N ALA B 175 21.18 -9.07 -24.06
CA ALA B 175 20.50 -8.80 -22.80
C ALA B 175 20.23 -10.11 -22.07
N ASP B 176 20.14 -10.06 -20.74
CA ASP B 176 19.85 -11.27 -19.97
C ASP B 176 18.35 -11.64 -20.06
N ALA B 177 17.52 -10.64 -20.29
CA ALA B 177 16.07 -10.83 -20.33
C ALA B 177 15.38 -9.72 -21.10
N LEU B 178 14.25 -10.06 -21.69
CA LEU B 178 13.38 -9.12 -22.39
C LEU B 178 12.00 -9.15 -21.78
N VAL B 179 11.38 -7.97 -21.72
CA VAL B 179 10.00 -7.83 -21.33
C VAL B 179 9.32 -7.05 -22.45
N SER B 180 8.13 -7.47 -22.86
CA SER B 180 7.35 -6.71 -23.84
C SER B 180 5.85 -6.88 -23.62
N ALA B 181 5.14 -5.78 -23.47
CA ALA B 181 3.73 -5.86 -23.18
C ALA B 181 2.99 -5.12 -24.25
N PHE B 182 2.12 -5.82 -24.96
CA PHE B 182 1.26 -5.19 -25.93
C PHE B 182 1.99 -4.45 -27.04
N CYS B 183 3.16 -4.91 -27.45
CA CYS B 183 3.83 -4.24 -28.56
C CYS B 183 3.61 -4.97 -29.91
N LEU B 184 4.02 -6.22 -30.00
CA LEU B 184 4.22 -6.85 -31.29
C LEU B 184 2.95 -7.01 -32.08
N GLU B 185 1.89 -7.41 -31.39
CA GLU B 185 0.61 -7.58 -32.04
C GLU B 185 0.07 -6.21 -32.46
N ALA B 186 0.46 -5.18 -31.71
CA ALA B 186 -0.08 -3.85 -31.92
C ALA B 186 0.69 -3.09 -33.01
N VAL B 187 1.82 -3.62 -33.48
CA VAL B 187 2.60 -2.97 -34.52
C VAL B 187 2.72 -3.85 -35.77
N SER B 188 1.90 -4.88 -35.86
CA SER B 188 2.02 -5.89 -36.90
C SER B 188 0.70 -6.09 -37.63
N PRO B 189 0.70 -5.87 -38.96
CA PRO B 189 -0.56 -5.95 -39.71
C PRO B 189 -1.11 -7.38 -39.85
N ASP B 190 -0.26 -8.37 -39.64
CA ASP B 190 -0.61 -9.76 -39.90
C ASP B 190 0.29 -10.63 -39.11
N LEU B 191 -0.04 -11.92 -39.11
CA LEU B 191 0.72 -12.91 -38.40
C LEU B 191 2.19 -13.00 -38.76
N ALA B 192 2.50 -12.80 -40.05
CA ALA B 192 3.84 -13.09 -40.51
C ALA B 192 4.77 -11.99 -40.04
N SER B 193 4.26 -10.77 -40.04
CA SER B 193 5.02 -9.62 -39.58
C SER B 193 5.22 -9.74 -38.06
N PHE B 194 4.28 -10.40 -37.40
CA PHE B 194 4.34 -10.59 -35.96
C PHE B 194 5.52 -11.50 -35.68
N GLN B 195 5.61 -12.57 -36.49
CA GLN B 195 6.66 -13.56 -36.36
C GLN B 195 8.01 -12.91 -36.57
N ARG B 196 8.12 -12.07 -37.59
CA ARG B 196 9.41 -11.48 -37.91
C ARG B 196 9.81 -10.51 -36.81
N ALA B 197 8.86 -9.69 -36.36
CA ALA B 197 9.12 -8.74 -35.27
C ALA B 197 9.61 -9.49 -34.04
N LEU B 198 9.03 -10.65 -33.78
CA LEU B 198 9.52 -11.51 -32.71
C LEU B 198 10.96 -12.03 -32.94
N ASP B 199 11.29 -12.35 -34.20
CA ASP B 199 12.64 -12.83 -34.51
C ASP B 199 13.64 -11.71 -34.31
N HIS B 200 13.25 -10.51 -34.74
CA HIS B 200 14.07 -9.31 -34.58
C HIS B 200 14.44 -8.98 -33.12
N ILE B 201 13.51 -9.12 -32.17
CA ILE B 201 13.82 -8.76 -30.76
C ILE B 201 14.54 -9.94 -30.15
N THR B 202 14.27 -11.13 -30.68
CA THR B 202 14.95 -12.30 -30.15
C THR B 202 16.48 -12.19 -30.29
N THR B 203 16.96 -11.42 -31.27
CA THR B 203 18.40 -11.25 -31.45
C THR B 203 19.06 -10.42 -30.33
N LEU B 204 18.26 -9.63 -29.62
CA LEU B 204 18.78 -8.80 -28.54
C LEU B 204 19.01 -9.59 -27.28
N LEU B 205 18.57 -10.85 -27.29
CA LEU B 205 18.57 -11.68 -26.10
C LEU B 205 19.60 -12.81 -26.22
N ARG B 206 20.38 -13.01 -25.18
CA ARG B 206 21.37 -14.08 -25.15
C ARG B 206 20.66 -15.43 -25.12
N PRO B 207 21.33 -16.48 -25.63
CA PRO B 207 20.82 -17.85 -25.44
C PRO B 207 20.69 -18.21 -23.97
N GLY B 208 19.60 -18.90 -23.62
CA GLY B 208 19.32 -19.22 -22.23
C GLY B 208 18.54 -18.11 -21.54
N GLY B 209 18.50 -16.94 -22.17
CA GLY B 209 17.83 -15.79 -21.60
C GLY B 209 16.32 -15.87 -21.66
N HIS B 210 15.64 -14.95 -20.98
CA HIS B 210 14.20 -15.03 -20.83
C HIS B 210 13.43 -13.91 -21.50
N LEU B 211 12.33 -14.28 -22.13
CA LEU B 211 11.41 -13.30 -22.66
C LEU B 211 10.11 -13.35 -21.86
N LEU B 212 9.66 -12.19 -21.39
CA LEU B 212 8.34 -12.07 -20.77
C LEU B 212 7.43 -11.28 -21.66
N LEU B 213 6.42 -11.93 -22.20
CA LEU B 213 5.63 -11.35 -23.25
C LEU B 213 4.16 -11.28 -22.84
N ILE B 214 3.60 -10.06 -22.79
CA ILE B 214 2.19 -9.87 -22.52
C ILE B 214 1.50 -9.28 -23.75
N GLY B 215 0.26 -9.66 -24.01
CA GLY B 215 -0.42 -9.08 -25.15
C GLY B 215 -1.90 -9.32 -25.24
N ALA B 216 -2.53 -8.58 -26.13
CA ALA B 216 -3.95 -8.73 -26.38
C ALA B 216 -4.27 -9.97 -27.25
N LEU B 217 -5.41 -10.61 -26.95
CA LEU B 217 -5.91 -11.74 -27.73
C LEU B 217 -7.11 -11.34 -28.57
N GLU B 218 -7.06 -11.74 -29.85
CA GLU B 218 -8.19 -11.60 -30.78
C GLU B 218 -8.65 -10.17 -30.89
N GLU B 219 -7.70 -9.26 -30.77
CA GLU B 219 -7.98 -7.85 -30.93
C GLU B 219 -7.63 -7.38 -32.34
N SER B 220 -8.41 -6.45 -32.90
CA SER B 220 -8.17 -6.01 -34.27
C SER B 220 -7.94 -4.50 -34.35
N TRP B 221 -8.34 -3.78 -33.30
CA TRP B 221 -8.11 -2.33 -33.19
C TRP B 221 -8.10 -1.86 -31.73
N TYR B 222 -7.41 -0.76 -31.47
CA TYR B 222 -7.63 0.02 -30.25
C TYR B 222 -7.41 1.49 -30.58
N LEU B 223 -7.89 2.37 -29.71
CA LEU B 223 -7.81 3.81 -29.90
C LEU B 223 -6.87 4.46 -28.91
N ALA B 224 -6.24 5.54 -29.36
CA ALA B 224 -5.36 6.35 -28.55
C ALA B 224 -5.51 7.82 -28.95
N GLY B 225 -6.62 8.44 -28.56
CA GLY B 225 -6.86 9.82 -28.92
C GLY B 225 -7.34 9.88 -30.37
N GLU B 226 -6.59 10.59 -31.22
CA GLU B 226 -6.97 10.74 -32.62
C GLU B 226 -6.55 9.53 -33.44
N ALA B 227 -5.71 8.70 -32.85
CA ALA B 227 -5.18 7.53 -33.51
C ALA B 227 -6.08 6.32 -33.32
N ARG B 228 -6.33 5.64 -34.43
CA ARG B 228 -6.96 4.34 -34.45
C ARG B 228 -5.93 3.39 -35.00
N LEU B 229 -5.50 2.43 -34.19
CA LEU B 229 -4.41 1.51 -34.57
C LEU B 229 -4.99 0.18 -34.95
N THR B 230 -4.49 -0.37 -36.05
CA THR B 230 -4.81 -1.72 -36.46
C THR B 230 -3.94 -2.69 -35.69
N VAL B 231 -4.55 -3.80 -35.27
CA VAL B 231 -3.85 -4.82 -34.50
C VAL B 231 -4.11 -6.15 -35.25
N VAL B 232 -3.17 -7.07 -35.20
CA VAL B 232 -3.42 -8.41 -35.71
C VAL B 232 -4.07 -9.26 -34.62
N PRO B 233 -5.24 -9.85 -34.93
CA PRO B 233 -5.85 -10.72 -33.92
C PRO B 233 -5.02 -11.98 -33.80
N VAL B 234 -4.58 -12.31 -32.59
CA VAL B 234 -3.86 -13.56 -32.36
C VAL B 234 -4.57 -14.40 -31.31
N SER B 235 -4.36 -15.71 -31.42
CA SER B 235 -4.85 -16.68 -30.42
C SER B 235 -3.67 -17.14 -29.57
N GLU B 236 -3.96 -17.77 -28.44
CA GLU B 236 -2.92 -18.35 -27.59
C GLU B 236 -2.07 -19.39 -28.37
N GLU B 237 -2.72 -20.22 -29.19
CA GLU B 237 -2.05 -21.24 -29.99
C GLU B 237 -1.06 -20.57 -30.95
N GLU B 238 -1.47 -19.45 -31.53
CA GLU B 238 -0.64 -18.72 -32.47
C GLU B 238 0.56 -18.12 -31.78
N VAL B 239 0.37 -17.64 -30.56
CA VAL B 239 1.46 -17.04 -29.82
C VAL B 239 2.48 -18.14 -29.51
N ARG B 240 2.00 -19.27 -29.02
N ARG B 240 1.98 -19.26 -29.02
CA ARG B 240 2.87 -20.37 -28.69
CA ARG B 240 2.82 -20.40 -28.68
C ARG B 240 3.71 -20.79 -29.89
C ARG B 240 3.68 -20.84 -29.87
N GLU B 241 3.06 -21.07 -31.02
CA GLU B 241 3.78 -21.56 -32.20
C GLU B 241 4.77 -20.50 -32.66
N ALA B 242 4.39 -19.24 -32.54
CA ALA B 242 5.28 -18.16 -32.96
C ALA B 242 6.54 -18.17 -32.09
N LEU B 243 6.37 -18.47 -30.81
CA LEU B 243 7.48 -18.48 -29.87
C LEU B 243 8.46 -19.63 -30.19
N VAL B 244 7.91 -20.82 -30.44
CA VAL B 244 8.71 -21.99 -30.81
C VAL B 244 9.59 -21.71 -32.04
N ARG B 245 8.97 -21.17 -33.08
CA ARG B 245 9.58 -20.91 -34.37
C ARG B 245 10.65 -19.84 -34.30
N SER B 246 10.68 -19.12 -33.18
CA SER B 246 11.69 -18.09 -33.00
C SER B 246 12.85 -18.63 -32.19
N GLY B 247 12.69 -19.84 -31.68
CA GLY B 247 13.74 -20.52 -30.94
C GLY B 247 13.57 -20.50 -29.43
N TYR B 248 12.32 -20.49 -28.96
CA TYR B 248 12.03 -20.46 -27.53
C TYR B 248 11.45 -21.75 -26.98
N LYS B 249 11.76 -22.06 -25.72
CA LYS B 249 10.96 -23.01 -24.98
C LYS B 249 9.94 -22.22 -24.17
N VAL B 250 8.67 -22.60 -24.29
CA VAL B 250 7.61 -21.90 -23.61
C VAL B 250 7.47 -22.46 -22.21
N ARG B 251 7.97 -21.71 -21.24
CA ARG B 251 7.95 -22.21 -19.86
C ARG B 251 6.56 -22.01 -19.27
N ASP B 252 5.86 -21.00 -19.77
CA ASP B 252 4.51 -20.74 -19.28
C ASP B 252 3.77 -19.85 -20.25
N LEU B 253 2.48 -20.10 -20.38
CA LEU B 253 1.67 -19.32 -21.26
C LEU B 253 0.28 -19.36 -20.69
N ARG B 254 -0.28 -18.20 -20.37
CA ARG B 254 -1.66 -18.19 -19.86
C ARG B 254 -2.48 -17.03 -20.33
N THR B 255 -3.78 -17.18 -20.09
CA THR B 255 -4.79 -16.33 -20.67
C THR B 255 -5.74 -15.78 -19.64
N TYR B 256 -6.13 -14.53 -19.86
CA TYR B 256 -7.17 -13.88 -19.08
C TYR B 256 -8.27 -13.52 -20.06
N ILE B 257 -9.50 -13.94 -19.77
CA ILE B 257 -10.62 -13.57 -20.61
C ILE B 257 -11.22 -12.23 -20.15
N MET B 258 -11.41 -11.30 -21.08
CA MET B 258 -11.87 -9.97 -20.73
C MET B 258 -13.36 -9.99 -20.28
N PRO B 259 -13.64 -9.71 -18.99
CA PRO B 259 -15.08 -9.68 -18.60
C PRO B 259 -15.81 -8.50 -19.27
N ALA B 260 -17.14 -8.59 -19.32
CA ALA B 260 -17.99 -7.63 -20.03
C ALA B 260 -17.82 -6.20 -19.54
N HIS B 261 -17.70 -6.02 -18.23
CA HIS B 261 -17.66 -4.67 -17.69
C HIS B 261 -16.33 -4.01 -18.00
N LEU B 262 -15.37 -4.77 -18.51
CA LEU B 262 -14.13 -4.14 -18.96
C LEU B 262 -14.05 -3.93 -20.49
N GLN B 263 -15.17 -4.17 -21.19
CA GLN B 263 -15.29 -3.91 -22.62
C GLN B 263 -15.84 -2.53 -22.82
N THR B 264 -14.98 -1.58 -23.16
CA THR B 264 -15.35 -0.19 -22.97
C THR B 264 -15.35 0.69 -24.20
N GLY B 265 -15.26 0.15 -25.39
CA GLY B 265 -15.29 1.04 -26.53
C GLY B 265 -13.94 1.58 -26.97
N VAL B 266 -12.90 1.38 -26.17
CA VAL B 266 -11.56 1.82 -26.58
C VAL B 266 -10.78 0.77 -27.38
N ASP B 267 -11.33 -0.44 -27.47
CA ASP B 267 -10.76 -1.49 -28.28
C ASP B 267 -11.74 -2.64 -28.42
N ASP B 268 -11.30 -3.71 -29.10
CA ASP B 268 -12.13 -4.91 -29.19
C ASP B 268 -11.39 -6.12 -28.62
N VAL B 269 -10.54 -5.89 -27.61
CA VAL B 269 -9.78 -6.97 -27.00
C VAL B 269 -10.73 -8.02 -26.46
N LYS B 270 -10.37 -9.30 -26.61
CA LYS B 270 -11.17 -10.41 -26.07
C LYS B 270 -10.53 -11.00 -24.82
N GLY B 271 -9.22 -10.90 -24.74
CA GLY B 271 -8.52 -11.47 -23.62
C GLY B 271 -7.09 -10.97 -23.65
N VAL B 272 -6.34 -11.38 -22.65
CA VAL B 272 -4.93 -11.00 -22.57
C VAL B 272 -4.13 -12.27 -22.37
N PHE B 273 -2.99 -12.39 -23.05
CA PHE B 273 -2.09 -13.51 -22.76
C PHE B 273 -0.85 -13.07 -22.03
N PHE B 274 -0.30 -13.98 -21.24
CA PHE B 274 1.01 -13.79 -20.67
C PHE B 274 1.91 -14.97 -21.03
N ALA B 275 3.05 -14.71 -21.68
CA ALA B 275 4.02 -15.77 -21.99
C ALA B 275 5.36 -15.58 -21.29
N TRP B 276 5.83 -16.65 -20.66
CA TRP B 276 7.19 -16.74 -20.18
C TRP B 276 7.92 -17.73 -21.07
N ALA B 277 8.94 -17.25 -21.77
CA ALA B 277 9.68 -18.09 -22.72
C ALA B 277 11.18 -18.00 -22.47
N GLN B 278 11.86 -19.10 -22.81
CA GLN B 278 13.32 -19.17 -22.70
C GLN B 278 14.00 -19.54 -24.02
N LYS B 279 14.99 -18.75 -24.40
CA LYS B 279 15.78 -19.03 -25.59
C LYS B 279 16.63 -20.29 -25.40
N VAL B 280 16.55 -21.20 -26.36
CA VAL B 280 17.29 -22.46 -26.30
C VAL B 280 18.81 -22.28 -26.15
N01 2D5 C . -9.83 12.84 30.43
N01 2D5 C . -9.83 12.84 30.43
C02 2D5 C . -9.66 12.24 29.27
C02 2D5 C . -9.67 12.22 29.27
N03 2D5 C . -10.26 11.06 29.00
N03 2D5 C . -10.25 11.05 29.01
C04 2D5 C . -10.05 10.46 27.75
C04 2D5 C . -10.06 10.46 27.75
N05 2D5 C . -9.33 10.97 26.87
N05 2D5 C . -9.33 10.97 26.87
C06 2D5 C . -8.66 12.21 27.11
C06 2D5 C . -8.67 12.22 27.12
C07 2D5 C . -8.85 12.84 28.32
C07 2D5 C . -8.85 12.84 28.32
N08 2D5 C . -8.12 14.04 28.32
N08 2D5 C . -8.12 14.04 28.33
C09 2D5 C . -7.49 14.15 27.15
C09 2D5 C . -7.50 14.16 27.16
N10 2D5 C . -7.82 13.04 26.39
N10 2D5 C . -7.82 13.05 26.39
C11 2D5 C . -7.40 12.74 25.09
C11 2D5 C . -7.41 12.74 25.10
O12 2D5 C . -6.23 11.93 25.12
O12 2D5 C . -6.23 11.93 25.13
C13 2D5 C . -5.70 12.01 23.87
C13 2D5 C . -5.72 12.01 23.89
C14 2D5 C . -6.12 13.30 23.32
C14 2D5 C . -6.13 13.30 23.33
O15 2D5 C . -6.82 13.07 22.17
O15 2D5 C . -6.82 13.07 22.17
C16 2D5 C . -6.93 13.88 24.36
C16 2D5 C . -6.94 13.89 24.37
O17 2D5 C . -8.00 14.69 23.90
O17 2D5 C . -8.01 14.68 23.90
C18 2D5 C . -4.23 11.90 23.93
C18 2D5 C . -4.25 11.89 23.93
S19 2D5 C . -3.44 11.77 22.33
S19 2D5 C . -3.52 11.80 22.31
C20 2D5 C . -1.75 12.05 22.53
C20 2D5 C . -1.81 11.97 22.48
C21 2D5 C . -0.87 11.34 23.56
C21 2D5 C . -1.07 11.25 23.59
C22 2D5 C . 0.47 10.80 22.95
C22 2D5 C . 0.31 10.64 23.19
N23 2D5 C . 1.81 11.03 23.46
N23 2D5 C . 1.50 11.41 23.40
C24 2D5 C . 2.96 10.66 22.73
C24 2D5 C . 2.75 10.95 23.00
C25 2D5 C . 3.02 10.05 21.33
C25 2D5 C . 3.06 9.69 22.30
N26 2D5 C . 1.74 9.62 20.84
N26 2D5 C . 4.48 9.78 22.46
C27 2D5 C . 1.76 8.81 19.51
C27 2D5 C . 5.34 8.99 21.41
C28 2D5 C . 3.06 8.14 19.22
C28 2D5 C . 4.55 8.41 20.29
C29 2D5 C . 3.15 7.37 18.17
C29 2D5 C . 5.17 7.57 19.50
C30 2D5 C . 4.38 6.72 17.87
C30 2D5 C . 4.47 6.99 18.41
C31 2D5 C . 5.43 6.87 18.66
C31 2D5 C . 3.19 7.29 18.21
C32 2D5 C . 5.33 7.65 19.78
C32 2D5 C . 2.55 8.20 19.03
C33 2D5 C . 4.15 8.28 20.04
C33 2D5 C . 3.24 8.75 20.08
C34 2D5 C . 4.11 9.10 21.24
C34 2D5 C . 2.51 9.69 20.97
O35 2D5 C . 4.04 10.89 23.26
O35 2D5 C . 3.75 11.62 23.18
H011 2D5 C . -10.05 12.39 31.14
H011 2D5 C . -10.04 12.38 31.15
H012 2D5 C . -9.72 13.76 30.48
H012 2D5 C . -9.72 13.76 30.49
H041 2D5 C . -10.46 9.65 27.58
H041 2D5 C . -10.46 9.65 27.58
H091 2D5 C . -6.86 14.95 26.85
H091 2D5 C . -6.87 14.96 26.85
H111 2D5 C . -8.10 12.30 24.61
H111 2D5 C . -8.10 12.30 24.62
H131 2D5 C . -6.04 11.28 23.35
H131 2D5 C . -6.07 11.28 23.37
H141 2D5 C . -5.37 13.89 23.12
H141 2D5 C . -5.37 13.89 23.13
H151 2D5 C . -7.52 12.53 22.33
H151 2D5 C . -7.52 12.53 22.33
H161 2D5 C . -6.33 14.46 24.98
H161 2D5 C . -6.34 14.46 24.99
H171 2D5 C . -8.59 14.22 23.57
H171 2D5 C . -8.59 14.22 23.57
H181 2D5 C . -3.99 11.09 24.47
H181 2D5 C . -4.02 11.07 24.45
H182 2D5 C . -3.89 12.66 24.37
H182 2D5 C . -3.90 12.64 24.38
H201 2D5 C . -1.65 12.95 22.68
H201 2D5 C . -1.63 12.86 22.56
H202 2D5 C . -1.34 11.87 21.65
H202 2D5 C . -1.40 11.66 21.63
H211 2D5 C . -0.67 11.93 24.28
H211 2D5 C . -0.92 11.87 24.31
H212 2D5 C . -1.35 10.60 23.90
H212 2D5 C . -1.62 10.54 23.90
H221 2D5 C . 0.49 11.14 22.05
H221 2D5 C . 0.27 10.42 22.25
H222 2D5 C . 0.37 9.89 22.89
H222 2D5 C . 0.40 9.84 23.65
H231 2D5 C . 1.92 11.39 24.32
H231 2D5 C . 1.43 12.23 23.83
H251 2D5 C . 3.27 10.73 20.73
H251 2D5 C . 2.74 8.95 22.77
H261 2D5 C . 1.24 10.38 20.68
H261 2D5 C . 4.73 9.53 23.31
H271 2D5 C . 1.59 9.40 18.83
H271 2D5 C . 5.76 8.29 21.84
H272 2D5 C . 1.03 8.13 19.52
H272 2D5 C . 6.04 9.59 21.04
H291 2D5 C . 2.44 7.27 17.62
H291 2D5 C . 6.03 7.35 19.64
H301 2D5 C . 4.45 6.16 17.09
H301 2D5 C . 4.91 6.37 17.83
H311 2D5 C . 6.24 6.42 18.46
H311 2D5 C . 2.72 6.91 17.48
H321 2D5 C . 6.12 7.78 20.39
H321 2D5 C . 1.58 8.44 18.89
H341 2D5 C . 5.01 9.60 21.30
H341 2D5 C . 1.53 9.42 21.00
H342 2D5 C . 4.06 8.51 22.00
H342 2D5 C . 2.57 10.58 20.60
C TRS D . -3.85 8.81 20.05
C1 TRS D . -3.17 7.48 20.16
C2 TRS D . -5.30 8.58 19.84
C3 TRS D . -3.21 9.46 18.86
N TRS D . -3.61 9.78 21.17
O1 TRS D . -2.77 7.00 18.96
O2 TRS D . -5.88 7.37 20.34
O3 TRS D . -1.96 8.85 18.57
H11 TRS D . -3.87 6.77 20.62
H12 TRS D . -2.31 7.58 20.82
H21 TRS D . -5.49 8.61 18.77
H22 TRS D . -5.84 9.41 20.28
H31 TRS D . -3.87 9.35 18.00
H32 TRS D . -3.07 10.52 19.05
HN1 TRS D . -4.03 10.69 21.01
HN2 TRS D . -2.65 9.81 21.49
HN3 TRS D . -4.13 9.39 21.95
HO1 TRS D . -3.00 7.63 18.25
HO2 TRS D . -5.18 6.85 20.79
HO3 TRS D . -1.79 8.14 19.23
N01 2D5 E . 7.67 -0.06 -35.03
N01 2D5 E . 7.67 -0.05 -35.02
C02 2D5 E . 7.64 -0.10 -33.67
C02 2D5 E . 7.63 -0.09 -33.66
N03 2D5 E . 8.61 -0.71 -32.96
N03 2D5 E . 8.62 -0.70 -32.96
C04 2D5 E . 8.56 -0.75 -31.55
C04 2D5 E . 8.55 -0.75 -31.54
N05 2D5 E . 7.59 -0.21 -30.92
N05 2D5 E . 7.58 -0.22 -30.91
C06 2D5 E . 6.52 0.44 -31.61
C06 2D5 E . 6.51 0.44 -31.59
C07 2D5 E . 6.55 0.50 -32.99
C07 2D5 E . 6.55 0.50 -32.97
N08 2D5 E . 5.39 1.20 -33.45
N08 2D5 E . 5.39 1.21 -33.43
C09 2D5 E . 4.68 1.57 -32.37
C09 2D5 E . 4.66 1.57 -32.35
N10 2D5 E . 5.34 1.12 -31.22
N10 2D5 E . 5.32 1.11 -31.20
C11 2D5 E . 4.93 1.30 -29.85
C11 2D5 E . 4.91 1.28 -29.84
O12 2D5 E . 4.18 0.17 -29.32
O12 2D5 E . 4.14 0.16 -29.31
C13 2D5 E . 3.53 0.71 -28.20
C13 2D5 E . 3.49 0.71 -28.19
C14 2D5 E . 3.37 2.15 -28.42
C14 2D5 E . 3.35 2.15 -28.41
O15 2D5 E . 3.95 2.86 -27.37
O15 2D5 E . 3.94 2.84 -27.36
C16 2D5 E . 4.03 2.42 -29.70
C16 2D5 E . 4.01 2.41 -29.69
O17 2D5 E . 4.80 3.63 -29.68
O17 2D5 E . 4.79 3.62 -29.67
C18 2D5 E . 2.18 0.07 -28.04
C18 2D5 E . 2.14 0.09 -28.05
S19 2D5 E . 1.21 0.49 -26.57
S19 2D5 E . 1.09 0.54 -26.64
C20 2D5 E . 0.14 -0.94 -26.46
C20 2D5 E . 0.05 -0.91 -26.47
C21 2D5 E . -1.29 -0.91 -27.01
C21 2D5 E . -1.41 -1.00 -26.95
C22 2D5 E . -2.12 -2.24 -27.20
C22 2D5 E . -1.99 -2.46 -27.14
N23 2D5 E . -3.55 -2.03 -27.38
N23 2D5 E . -3.39 -2.77 -27.46
C24 2D5 E . -4.58 -2.54 -26.56
C24 2D5 E . -4.44 -2.75 -26.51
C25 2D5 E . -4.28 -3.46 -25.41
C25 2D5 E . -4.45 -2.39 -25.02
N26 2D5 E . -5.42 -4.36 -25.27
N26 2D5 E . -3.15 -2.10 -24.42
C27 2D5 E . -6.22 -4.29 -23.92
C27 2D5 E . -3.04 -2.32 -22.85
C28 2D5 E . -5.32 -3.94 -22.76
C28 2D5 E . -4.09 -3.23 -22.24
C29 2D5 E . -5.63 -4.41 -21.55
C29 2D5 E . -3.95 -3.60 -20.97
C30 2D5 E . -4.77 -4.07 -20.44
C30 2D5 E . -4.92 -4.49 -20.35
C31 2D5 E . -3.69 -3.29 -20.63
C31 2D5 E . -5.97 -4.94 -21.04
C32 2D5 E . -3.38 -2.81 -21.89
C32 2D5 E . -6.10 -4.58 -22.38
C33 2D5 E . -4.21 -3.13 -22.95
C33 2D5 E . -5.15 -3.73 -22.97
C34 2D5 E . -3.83 -2.64 -24.29
C34 2D5 E . -5.37 -3.36 -24.38
O35 2D5 E . -5.79 -2.27 -26.80
O35 2D5 E . -5.58 -3.03 -26.92
H011 2D5 E . 7.67 0.71 -35.46
H011 2D5 E . 7.67 0.73 -35.44
H012 2D5 E . 7.70 -0.86 -35.51
H012 2D5 E . 7.70 -0.83 -35.50
H041 2D5 E . 9.22 -1.17 -31.09
H041 2D5 E . 9.22 -1.17 -31.08
H091 2D5 E . 3.75 2.11 -32.38
H091 2D5 E . 3.74 2.09 -32.36
H111 2D5 E . 5.71 1.44 -29.31
H111 2D5 E . 5.68 1.42 -29.29
H131 2D5 E . 4.06 0.56 -27.41
H131 2D5 E . 4.01 0.54 -27.40
H141 2D5 E . 2.41 2.37 -28.48
H141 2D5 E . 2.39 2.39 -28.47
H151 2D5 E . 4.84 2.72 -27.39
H151 2D5 E . 4.83 2.72 -27.40
H161 2D5 E . 3.33 2.44 -30.48
H161 2D5 E . 3.32 2.44 -30.47
H171 2D5 E . 4.31 4.28 -29.81
H171 2D5 E . 4.31 4.26 -29.82
H181 2D5 E . 2.33 -0.92 -28.04
H181 2D5 E . 2.27 -0.91 -28.01
H182 2D5 E . 1.67 0.30 -28.80
H182 2D5 E . 1.64 0.27 -28.83
H201 2D5 E . 0.09 -1.18 -25.57
H201 2D5 E . 0.07 -1.14 -25.57
H202 2D5 E . 0.59 -1.68 -26.94
H202 2D5 E . 0.53 -1.64 -26.95
H211 2D5 E . -1.81 -0.32 -26.43
H211 2D5 E . -1.96 -0.52 -26.32
H212 2D5 E . -1.24 -0.49 -27.86
H212 2D5 E . -1.46 -0.56 -27.78
H221 2D5 E . -1.99 -2.78 -26.42
H221 2D5 E . -1.80 -2.93 -26.31
H222 2D5 E . -1.78 -2.69 -27.94
H222 2D5 E . -1.48 -2.85 -27.79
H231 2D5 E . -3.81 -1.45 -28.08
H231 2D5 E . -3.58 -3.01 -28.34
H251 2D5 E . -3.54 -3.99 -25.66
H251 2D5 E . -4.92 -1.56 -24.96
H261 2D5 E . -5.12 -5.23 -25.37
H261 2D5 E . -2.97 -1.21 -24.58
H271 2D5 E . -6.58 -5.12 -23.77
H271 2D5 E . -3.09 -1.50 -22.45
H272 2D5 E . -6.97 -3.62 -23.99
H272 2D5 E . -2.13 -2.70 -22.66
H291 2D5 E . -6.36 -4.92 -21.42
H291 2D5 E . -3.26 -3.29 -20.48
H301 2D5 E . -4.98 -4.39 -19.56
H301 2D5 E . -4.82 -4.72 -19.43
H311 2D5 E . -3.13 -3.08 -19.89
H311 2D5 E . -6.60 -5.53 -20.64
H321 2D5 E . -2.56 -2.24 -22.04
H321 2D5 E . -6.88 -4.92 -22.92
H341 2D5 E . -2.80 -2.68 -24.30
H341 2D5 E . -6.29 -2.91 -24.40
H342 2D5 E . -4.09 -1.71 -24.42
H342 2D5 E . -5.42 -4.15 -24.94
C TRS F . 2.57 -0.69 -23.36
C1 TRS F . 1.82 0.46 -22.74
C2 TRS F . 1.72 -1.90 -23.05
C3 TRS F . 3.96 -0.98 -22.90
N TRS F . 2.71 -0.36 -24.77
O1 TRS F . 0.63 0.07 -22.02
O2 TRS F . 1.55 -1.81 -21.69
O3 TRS F . 4.45 -2.20 -23.42
H11 TRS F . 2.49 0.98 -22.07
H12 TRS F . 1.54 1.16 -23.54
H21 TRS F . 2.24 -2.82 -23.32
H22 TRS F . 0.76 -1.85 -23.57
H31 TRS F . 4.61 -0.16 -23.21
H32 TRS F . 3.97 -1.02 -21.81
HN1 TRS F . 3.30 0.45 -24.94
HN2 TRS F . 1.83 -0.33 -25.28
HN3 TRS F . 3.21 -1.14 -25.17
HO1 TRS F . 0.53 -0.91 -22.07
HO2 TRS F . 2.02 -1.02 -21.36
HO3 TRS F . 4.28 -2.23 -24.39
#